data_8DTE
#
_entry.id   8DTE
#
_cell.length_a   51.760
_cell.length_b   51.760
_cell.length_c   167.570
_cell.angle_alpha   90.000
_cell.angle_beta   90.000
_cell.angle_gamma   90.000
#
_symmetry.space_group_name_H-M   'P 41 2 2'
#
loop_
_entity.id
_entity.type
_entity.pdbx_description
1 polymer 'Periplasmic transport protein'
2 non-polymer 'MAGNESIUM ION'
3 non-polymer 'CHLORIDE ION'
4 water water
#
_entity_poly.entity_id   1
_entity_poly.type   'polypeptide(L)'
_entity_poly.pdbx_seq_one_letter_code
;MAHHHHHHMSPADAVGQIRQNATQVLTILKSGDAASARPKAEAYAVPYFDFQRMTALAVGNPWRTASDAQKQALAKEFQT
LLIRTYSGTMLKFKNATVNVKDNPIVNKGGKEIVVRAEVGIPGQKPVNMDFTTYQSGGKYRTYNVAIEGTSLVTVYRNQF
GEIIKAKGIDGLIAELKAKNGGK
;
_entity_poly.pdbx_strand_id   A
#
loop_
_chem_comp.id
_chem_comp.type
_chem_comp.name
_chem_comp.formula
CL non-polymer 'CHLORIDE ION' 'Cl -1'
MG non-polymer 'MAGNESIUM ION' 'Mg 2'
#
# COMPACT_ATOMS: atom_id res chain seq x y z
N SER A 10 6.01 18.14 -10.33
CA SER A 10 7.39 18.02 -9.90
C SER A 10 7.54 17.01 -8.75
N PRO A 11 8.75 16.48 -8.55
CA PRO A 11 8.99 15.57 -7.42
C PRO A 11 8.48 16.06 -6.06
N ALA A 12 8.65 17.36 -5.76
CA ALA A 12 8.14 17.91 -4.51
C ALA A 12 6.62 17.83 -4.40
N ASP A 13 5.90 17.76 -5.53
CA ASP A 13 4.46 17.57 -5.43
C ASP A 13 4.11 16.26 -4.74
N ALA A 14 4.91 15.22 -4.94
CA ALA A 14 4.66 13.95 -4.29
C ALA A 14 4.70 14.10 -2.77
N VAL A 15 5.70 14.82 -2.26
CA VAL A 15 5.79 15.03 -0.82
C VAL A 15 4.55 15.72 -0.30
N GLY A 16 4.13 16.79 -0.99
CA GLY A 16 2.92 17.50 -0.59
C GLY A 16 1.69 16.62 -0.58
N GLN A 17 1.56 15.74 -1.58
CA GLN A 17 0.38 14.92 -1.64
C GLN A 17 0.36 13.89 -0.53
N ILE A 18 1.50 13.26 -0.25
CA ILE A 18 1.57 12.30 0.84
C ILE A 18 1.22 12.97 2.16
N ARG A 19 1.75 14.18 2.38
CA ARG A 19 1.39 14.94 3.57
C ARG A 19 -0.12 15.14 3.67
N GLN A 20 -0.78 15.46 2.55
CA GLN A 20 -2.22 15.62 2.55
C GLN A 20 -2.93 14.29 2.81
N ASN A 21 -2.52 13.23 2.10
CA ASN A 21 -3.10 11.91 2.31
C ASN A 21 -3.03 11.49 3.76
N ALA A 22 -1.86 11.65 4.38
CA ALA A 22 -1.66 11.26 5.77
C ALA A 22 -2.56 12.08 6.68
N THR A 23 -2.61 13.39 6.47
CA THR A 23 -3.48 14.24 7.26
C THR A 23 -4.95 13.85 7.10
N GLN A 24 -5.39 13.57 5.87
CA GLN A 24 -6.79 13.21 5.65
C GLN A 24 -7.13 11.88 6.34
N VAL A 25 -6.30 10.86 6.12
CA VAL A 25 -6.54 9.55 6.72
C VAL A 25 -6.64 9.66 8.23
N LEU A 26 -5.65 10.31 8.85
CA LEU A 26 -5.65 10.48 10.30
C LEU A 26 -6.85 11.30 10.77
N THR A 27 -7.21 12.36 10.04
CA THR A 27 -8.38 13.15 10.42
C THR A 27 -9.63 12.29 10.43
N ILE A 28 -9.86 11.53 9.36
CA ILE A 28 -11.02 10.66 9.27
C ILE A 28 -11.06 9.69 10.44
N LEU A 29 -9.91 9.09 10.78
CA LEU A 29 -9.90 8.01 11.76
C LEU A 29 -10.32 8.49 13.14
N LYS A 30 -9.78 9.62 13.58
CA LYS A 30 -10.10 10.14 14.90
C LYS A 30 -11.17 11.23 14.87
N SER A 31 -12.07 11.19 13.88
CA SER A 31 -13.15 12.17 13.82
C SER A 31 -14.54 11.58 13.94
N GLY A 32 -14.69 10.26 13.90
CA GLY A 32 -16.00 9.66 14.07
C GLY A 32 -15.92 8.34 14.81
N ASP A 33 -17.09 7.76 15.02
CA ASP A 33 -17.19 6.38 15.49
C ASP A 33 -16.39 5.46 14.56
N ALA A 34 -15.66 4.54 15.17
CA ALA A 34 -14.76 3.66 14.41
C ALA A 34 -15.52 2.84 13.39
N ALA A 35 -16.73 2.39 13.74
CA ALA A 35 -17.51 1.53 12.86
C ALA A 35 -17.77 2.16 11.51
N SER A 36 -17.84 3.50 11.47
CA SER A 36 -17.95 4.19 10.19
C SER A 36 -16.68 4.90 9.79
N ALA A 37 -15.82 5.29 10.75
CA ALA A 37 -14.62 6.04 10.42
C ALA A 37 -13.58 5.17 9.73
N ARG A 38 -13.42 3.91 10.16
CA ARG A 38 -12.48 3.02 9.49
C ARG A 38 -12.86 2.78 8.03
N PRO A 39 -14.10 2.39 7.68
CA PRO A 39 -14.45 2.30 6.25
C PRO A 39 -14.22 3.61 5.48
N LYS A 40 -14.55 4.77 6.07
CA LYS A 40 -14.32 6.01 5.34
C LYS A 40 -12.82 6.23 5.08
N ALA A 41 -11.96 5.88 6.03
CA ALA A 41 -10.53 6.07 5.82
C ALA A 41 -9.99 5.12 4.75
N GLU A 42 -10.45 3.85 4.76
CA GLU A 42 -10.07 2.90 3.71
C GLU A 42 -10.45 3.42 2.33
N ALA A 43 -11.70 3.86 2.20
CA ALA A 43 -12.20 4.28 0.90
C ALA A 43 -11.51 5.54 0.43
N TYR A 44 -11.21 6.47 1.34
CA TYR A 44 -10.43 7.63 0.95
C TYR A 44 -9.06 7.21 0.41
N ALA A 45 -8.39 6.28 1.10
CA ALA A 45 -7.03 5.92 0.76
C ALA A 45 -6.95 5.05 -0.50
N VAL A 46 -7.97 4.22 -0.78
CA VAL A 46 -7.86 3.23 -1.86
C VAL A 46 -7.42 3.84 -3.19
N PRO A 47 -8.04 4.88 -3.73
CA PRO A 47 -7.65 5.35 -5.06
C PRO A 47 -6.26 5.96 -5.11
N TYR A 48 -5.66 6.24 -3.96
CA TYR A 48 -4.28 6.72 -3.95
C TYR A 48 -3.26 5.58 -4.04
N PHE A 49 -3.69 4.32 -3.95
CA PHE A 49 -2.81 3.19 -4.21
C PHE A 49 -3.08 2.63 -5.59
N ASP A 50 -2.01 2.19 -6.25
CA ASP A 50 -2.12 1.43 -7.50
C ASP A 50 -1.95 -0.04 -7.13
N PHE A 51 -3.09 -0.71 -6.93
CA PHE A 51 -3.04 -2.10 -6.50
C PHE A 51 -2.62 -3.04 -7.60
N GLN A 52 -2.74 -2.64 -8.87
CA GLN A 52 -2.20 -3.52 -9.91
C GLN A 52 -0.68 -3.58 -9.83
N ARG A 53 -0.03 -2.42 -9.72
CA ARG A 53 1.42 -2.42 -9.65
C ARG A 53 1.91 -3.03 -8.34
N MET A 54 1.21 -2.75 -7.25
CA MET A 54 1.50 -3.35 -5.95
C MET A 54 1.39 -4.88 -5.98
N THR A 55 0.33 -5.40 -6.61
CA THR A 55 0.19 -6.85 -6.76
C THR A 55 1.30 -7.44 -7.62
N ALA A 56 1.70 -6.73 -8.67
CA ALA A 56 2.83 -7.19 -9.49
C ALA A 56 4.09 -7.34 -8.64
N LEU A 57 4.32 -6.38 -7.73
CA LEU A 57 5.47 -6.44 -6.84
C LEU A 57 5.39 -7.62 -5.89
N ALA A 58 4.19 -7.92 -5.37
CA ALA A 58 4.06 -9.04 -4.44
C ALA A 58 4.23 -10.38 -5.15
N VAL A 59 3.72 -10.49 -6.37
CA VAL A 59 3.75 -11.75 -7.09
C VAL A 59 5.12 -11.99 -7.71
N GLY A 60 5.78 -10.95 -8.19
CA GLY A 60 7.09 -11.14 -8.81
C GLY A 60 6.96 -11.55 -10.27
N ASN A 61 8.00 -12.26 -10.75
CA ASN A 61 8.08 -12.67 -12.16
C ASN A 61 6.82 -13.30 -12.74
N PRO A 62 6.08 -14.16 -12.03
CA PRO A 62 4.88 -14.74 -12.65
C PRO A 62 3.86 -13.70 -13.10
N TRP A 63 3.93 -12.48 -12.52
CA TRP A 63 2.96 -11.45 -12.88
C TRP A 63 2.95 -11.19 -14.38
N ARG A 64 4.13 -11.19 -15.01
CA ARG A 64 4.22 -10.82 -16.42
C ARG A 64 3.64 -11.90 -17.33
N THR A 65 3.64 -13.15 -16.88
CA THR A 65 3.10 -14.25 -17.66
C THR A 65 1.59 -14.36 -17.53
N ALA A 66 1.00 -13.77 -16.51
CA ALA A 66 -0.42 -13.93 -16.27
C ALA A 66 -1.24 -13.22 -17.34
N SER A 67 -2.41 -13.77 -17.63
CA SER A 67 -3.33 -13.12 -18.56
C SER A 67 -3.90 -11.86 -17.89
N ASP A 68 -4.56 -11.04 -18.71
CA ASP A 68 -5.22 -9.86 -18.14
C ASP A 68 -6.27 -10.25 -17.11
N ALA A 69 -7.05 -11.30 -17.40
CA ALA A 69 -8.05 -11.76 -16.44
C ALA A 69 -7.38 -12.26 -15.16
N GLN A 70 -6.21 -12.89 -15.28
CA GLN A 70 -5.52 -13.35 -14.07
C GLN A 70 -4.94 -12.18 -13.29
N LYS A 71 -4.29 -11.23 -13.98
CA LYS A 71 -3.77 -10.04 -13.31
C LYS A 71 -4.87 -9.32 -12.54
N GLN A 72 -6.01 -9.10 -13.19
CA GLN A 72 -7.07 -8.35 -12.51
C GLN A 72 -7.62 -9.11 -11.30
N ALA A 73 -7.82 -10.43 -11.43
CA ALA A 73 -8.27 -11.21 -10.28
C ALA A 73 -7.25 -11.17 -9.14
N LEU A 74 -5.96 -11.32 -9.46
CA LEU A 74 -4.93 -11.26 -8.42
C LEU A 74 -4.92 -9.89 -7.73
N ALA A 75 -5.05 -8.81 -8.50
CA ALA A 75 -4.97 -7.47 -7.91
C ALA A 75 -6.19 -7.20 -7.03
N LYS A 76 -7.37 -7.64 -7.46
CA LYS A 76 -8.60 -7.45 -6.69
C LYS A 76 -8.53 -8.18 -5.35
N GLU A 77 -8.16 -9.46 -5.38
CA GLU A 77 -8.07 -10.25 -4.15
C GLU A 77 -6.94 -9.78 -3.26
N PHE A 78 -5.83 -9.33 -3.84
CA PHE A 78 -4.72 -8.86 -3.02
C PHE A 78 -5.06 -7.54 -2.33
N GLN A 79 -5.73 -6.62 -3.04
CA GLN A 79 -6.21 -5.39 -2.42
C GLN A 79 -7.08 -5.69 -1.21
N THR A 80 -8.02 -6.62 -1.36
CA THR A 80 -8.87 -7.01 -0.24
C THR A 80 -8.03 -7.61 0.89
N LEU A 81 -7.07 -8.47 0.56
CA LEU A 81 -6.20 -9.04 1.59
C LEU A 81 -5.43 -7.95 2.33
N LEU A 82 -4.86 -7.00 1.58
CA LEU A 82 -4.09 -5.93 2.20
C LEU A 82 -4.96 -5.09 3.11
N ILE A 83 -6.17 -4.77 2.67
CA ILE A 83 -7.06 -3.92 3.48
C ILE A 83 -7.45 -4.65 4.77
N ARG A 84 -7.87 -5.91 4.66
CA ARG A 84 -8.18 -6.69 5.86
C ARG A 84 -6.96 -6.81 6.77
N THR A 85 -5.77 -6.94 6.19
CA THR A 85 -4.58 -7.16 7.02
C THR A 85 -4.24 -5.94 7.86
N TYR A 86 -4.43 -4.73 7.31
CA TYR A 86 -3.89 -3.51 7.92
C TYR A 86 -4.92 -2.48 8.36
N SER A 87 -6.21 -2.68 8.07
CA SER A 87 -7.20 -1.66 8.40
C SER A 87 -7.29 -1.45 9.91
N GLY A 88 -7.51 -2.52 10.67
CA GLY A 88 -7.59 -2.38 12.12
C GLY A 88 -6.31 -1.82 12.71
N THR A 89 -5.16 -2.16 12.11
CA THR A 89 -3.89 -1.62 12.55
C THR A 89 -3.85 -0.10 12.41
N MET A 90 -4.39 0.44 11.32
CA MET A 90 -4.52 1.88 11.17
C MET A 90 -5.25 2.50 12.35
N LEU A 91 -6.41 1.94 12.69
CA LEU A 91 -7.23 2.51 13.75
C LEU A 91 -6.49 2.47 15.10
N LYS A 92 -5.76 1.38 15.34
CA LYS A 92 -4.96 1.28 16.56
C LYS A 92 -4.00 2.45 16.70
N PHE A 93 -3.37 2.84 15.59
CA PHE A 93 -2.38 3.92 15.59
C PHE A 93 -2.96 5.22 15.02
N LYS A 94 -4.22 5.56 15.34
CA LYS A 94 -4.84 6.73 14.73
C LYS A 94 -4.34 8.05 15.32
N ASN A 95 -3.76 8.04 16.51
CA ASN A 95 -3.22 9.25 17.14
C ASN A 95 -1.74 9.45 16.83
N ALA A 96 -1.30 9.06 15.63
CA ALA A 96 0.11 9.12 15.29
C ALA A 96 0.52 10.53 14.85
N THR A 97 1.77 10.86 15.16
CA THR A 97 2.42 12.01 14.55
C THR A 97 3.02 11.62 13.20
N VAL A 98 2.89 12.51 12.23
CA VAL A 98 3.52 12.31 10.93
C VAL A 98 4.36 13.54 10.64
N ASN A 99 5.61 13.30 10.27
CA ASN A 99 6.50 14.32 9.76
C ASN A 99 7.05 13.75 8.46
N VAL A 100 6.76 14.42 7.36
CA VAL A 100 7.15 13.92 6.05
C VAL A 100 8.49 14.55 5.72
N LYS A 101 9.50 13.73 5.44
CA LYS A 101 10.78 14.28 5.01
C LYS A 101 10.53 15.19 3.81
N ASP A 102 10.99 16.43 3.92
CA ASP A 102 10.61 17.47 2.97
C ASP A 102 11.10 17.17 1.55
N ASN A 103 12.20 16.43 1.41
CA ASN A 103 12.74 16.08 0.10
C ASN A 103 12.44 14.61 -0.22
N PRO A 104 12.06 14.29 -1.50
CA PRO A 104 11.82 12.89 -1.87
C PRO A 104 12.97 12.20 -2.58
N ILE A 105 12.90 10.88 -2.72
CA ILE A 105 13.92 10.09 -3.43
C ILE A 105 13.42 9.81 -4.84
N VAL A 106 14.23 10.12 -5.84
CA VAL A 106 13.86 9.96 -7.24
C VAL A 106 14.62 8.78 -7.84
N ASN A 107 13.89 7.89 -8.49
CA ASN A 107 14.45 6.66 -9.04
C ASN A 107 13.95 6.48 -10.47
N LYS A 108 14.48 5.45 -11.12
CA LYS A 108 14.00 4.97 -12.41
C LYS A 108 13.84 6.12 -13.39
N GLY A 109 14.90 6.91 -13.52
CA GLY A 109 14.90 8.09 -14.36
C GLY A 109 13.94 9.18 -13.94
N GLY A 110 13.43 9.15 -12.71
CA GLY A 110 12.47 10.14 -12.27
C GLY A 110 11.02 9.75 -12.46
N LYS A 111 10.75 8.54 -12.95
CA LYS A 111 9.39 8.04 -13.04
C LYS A 111 8.87 7.53 -11.70
N GLU A 112 9.74 7.28 -10.73
CA GLU A 112 9.37 6.72 -9.43
C GLU A 112 9.85 7.64 -8.32
N ILE A 113 8.91 8.17 -7.55
CA ILE A 113 9.20 9.12 -6.48
C ILE A 113 8.88 8.46 -5.15
N VAL A 114 9.89 8.30 -4.30
CA VAL A 114 9.73 7.72 -2.98
C VAL A 114 9.63 8.85 -1.97
N VAL A 115 8.49 8.93 -1.29
CA VAL A 115 8.30 9.90 -0.21
C VAL A 115 8.50 9.18 1.11
N ARG A 116 9.34 9.76 1.95
CA ARG A 116 9.61 9.20 3.27
C ARG A 116 8.84 9.99 4.32
N ALA A 117 8.30 9.29 5.30
CA ALA A 117 7.57 9.92 6.38
C ALA A 117 8.00 9.28 7.69
N GLU A 118 8.24 10.12 8.70
CA GLU A 118 8.48 9.65 10.05
C GLU A 118 7.14 9.60 10.78
N VAL A 119 6.82 8.44 11.33
CA VAL A 119 5.54 8.19 12.00
C VAL A 119 5.82 7.86 13.47
N GLY A 120 5.20 8.62 14.36
CA GLY A 120 5.48 8.52 15.77
C GLY A 120 4.28 8.08 16.59
N ILE A 121 4.36 6.87 17.12
CA ILE A 121 3.34 6.37 18.03
C ILE A 121 3.84 6.66 19.44
N PRO A 122 3.05 7.30 20.30
CA PRO A 122 3.49 7.53 21.68
C PRO A 122 3.99 6.25 22.31
N GLY A 123 5.05 6.36 23.10
CA GLY A 123 5.71 5.22 23.70
C GLY A 123 6.56 4.39 22.77
N GLN A 124 6.62 4.71 21.48
CA GLN A 124 7.34 3.92 20.49
C GLN A 124 8.46 4.72 19.85
N LYS A 125 9.54 4.04 19.49
CA LYS A 125 10.51 4.66 18.61
C LYS A 125 9.84 5.01 17.29
N PRO A 126 10.28 6.08 16.62
CA PRO A 126 9.69 6.38 15.30
C PRO A 126 10.10 5.36 14.24
N VAL A 127 9.25 5.20 13.24
CA VAL A 127 9.51 4.32 12.11
C VAL A 127 9.51 5.13 10.84
N ASN A 128 10.49 4.88 9.96
CA ASN A 128 10.41 5.38 8.60
C ASN A 128 9.33 4.62 7.86
N MET A 129 8.47 5.36 7.18
CA MET A 129 7.44 4.80 6.31
C MET A 129 7.71 5.38 4.94
N ASP A 130 8.10 4.53 3.99
CA ASP A 130 8.46 4.95 2.65
C ASP A 130 7.33 4.59 1.68
N PHE A 131 6.88 5.57 0.92
CA PHE A 131 5.84 5.42 -0.07
C PHE A 131 6.48 5.55 -1.44
N THR A 132 6.39 4.51 -2.25
CA THR A 132 6.92 4.55 -3.60
C THR A 132 5.80 4.93 -4.55
N THR A 133 5.93 6.09 -5.19
CA THR A 133 4.85 6.67 -5.97
C THR A 133 5.27 6.91 -7.40
N TYR A 134 4.27 7.21 -8.24
CA TYR A 134 4.46 7.68 -9.60
C TYR A 134 3.32 8.64 -9.91
N GLN A 135 3.56 9.55 -10.86
CA GLN A 135 2.55 10.53 -11.23
C GLN A 135 1.56 9.92 -12.21
N SER A 136 0.27 10.01 -11.86
CA SER A 136 -0.81 9.55 -12.72
C SER A 136 -1.85 10.67 -12.75
N GLY A 137 -2.07 11.25 -13.91
CA GLY A 137 -2.89 12.44 -13.97
C GLY A 137 -2.18 13.56 -13.25
N GLY A 138 -2.90 14.22 -12.34
CA GLY A 138 -2.31 15.26 -11.52
C GLY A 138 -1.96 14.83 -10.12
N LYS A 139 -2.18 13.57 -9.78
CA LYS A 139 -1.92 13.03 -8.46
C LYS A 139 -0.79 12.00 -8.51
N TYR A 140 -0.33 11.61 -7.33
CA TYR A 140 0.68 10.57 -7.18
C TYR A 140 0.05 9.35 -6.52
N ARG A 141 0.30 8.19 -7.09
CA ARG A 141 -0.29 6.94 -6.63
C ARG A 141 0.82 6.03 -6.13
N THR A 142 0.55 5.33 -5.03
CA THR A 142 1.54 4.57 -4.31
C THR A 142 1.44 3.09 -4.66
N TYR A 143 2.57 2.48 -5.04
CA TYR A 143 2.57 1.05 -5.33
C TYR A 143 3.54 0.24 -4.48
N ASN A 144 4.27 0.87 -3.56
CA ASN A 144 4.99 0.11 -2.57
C ASN A 144 4.97 0.93 -1.28
N VAL A 145 4.83 0.23 -0.15
CA VAL A 145 4.92 0.85 1.16
C VAL A 145 5.91 0.02 1.97
N ALA A 146 6.87 0.69 2.60
CA ALA A 146 7.84 0.00 3.43
C ALA A 146 7.81 0.61 4.82
N ILE A 147 7.93 -0.23 5.84
CA ILE A 147 8.03 0.23 7.22
C ILE A 147 9.32 -0.31 7.80
N GLU A 148 10.15 0.60 8.34
CA GLU A 148 11.48 0.26 8.83
C GLU A 148 12.30 -0.47 7.77
N GLY A 149 12.19 -0.01 6.53
CA GLY A 149 12.93 -0.64 5.45
C GLY A 149 12.44 -2.00 5.02
N THR A 150 11.28 -2.47 5.51
CA THR A 150 10.68 -3.73 5.08
C THR A 150 9.41 -3.43 4.32
N SER A 151 9.30 -3.93 3.09
CA SER A 151 8.11 -3.72 2.30
C SER A 151 6.94 -4.52 2.87
N LEU A 152 5.77 -3.88 2.97
CA LEU A 152 4.54 -4.58 3.32
C LEU A 152 3.99 -5.38 2.16
N VAL A 153 4.63 -5.25 1.01
CA VAL A 153 4.13 -5.76 -0.24
C VAL A 153 4.97 -6.94 -0.73
N THR A 154 6.30 -6.75 -0.84
CA THR A 154 7.12 -7.83 -1.34
C THR A 154 7.30 -8.92 -0.31
N VAL A 155 6.89 -8.68 0.93
CA VAL A 155 7.00 -9.71 1.95
C VAL A 155 6.22 -10.97 1.55
N TYR A 156 5.20 -10.84 0.68
CA TYR A 156 4.40 -11.97 0.23
C TYR A 156 5.05 -12.79 -0.88
N ARG A 157 6.16 -12.31 -1.47
CA ARG A 157 6.74 -12.92 -2.67
C ARG A 157 7.03 -14.42 -2.50
N ASN A 158 7.63 -14.79 -1.38
CA ASN A 158 8.01 -16.18 -1.19
C ASN A 158 6.79 -17.09 -1.14
N GLN A 159 5.82 -16.72 -0.31
CA GLN A 159 4.63 -17.56 -0.15
C GLN A 159 3.85 -17.62 -1.45
N PHE A 160 3.65 -16.47 -2.11
CA PHE A 160 2.95 -16.47 -3.40
C PHE A 160 3.71 -17.29 -4.43
N GLY A 161 5.04 -17.22 -4.39
CA GLY A 161 5.83 -18.02 -5.30
C GLY A 161 5.66 -19.50 -5.05
N GLU A 162 5.64 -19.91 -3.78
CA GLU A 162 5.46 -21.34 -3.48
C GLU A 162 4.08 -21.80 -3.90
N ILE A 163 3.06 -20.97 -3.71
CA ILE A 163 1.72 -21.37 -4.14
C ILE A 163 1.66 -21.50 -5.67
N ILE A 164 2.30 -20.56 -6.38
CA ILE A 164 2.26 -20.56 -7.84
C ILE A 164 2.97 -21.78 -8.42
N LYS A 165 4.14 -22.12 -7.89
CA LYS A 165 4.84 -23.29 -8.39
C LYS A 165 3.98 -24.54 -8.22
N ALA A 166 3.31 -24.66 -7.08
CA ALA A 166 2.54 -25.87 -6.82
C ALA A 166 1.20 -25.85 -7.55
N LYS A 167 0.50 -24.71 -7.50
CA LYS A 167 -0.90 -24.62 -7.86
C LYS A 167 -1.17 -23.64 -8.99
N GLY A 168 -0.16 -22.97 -9.51
CA GLY A 168 -0.35 -22.06 -10.62
C GLY A 168 -0.90 -20.70 -10.23
N ILE A 169 -1.00 -19.84 -11.25
CA ILE A 169 -1.62 -18.53 -11.07
C ILE A 169 -3.08 -18.67 -10.68
N ASP A 170 -3.83 -19.56 -11.35
CA ASP A 170 -5.21 -19.78 -10.92
C ASP A 170 -5.27 -20.31 -9.49
N GLY A 171 -4.29 -21.14 -9.11
CA GLY A 171 -4.27 -21.63 -7.74
C GLY A 171 -4.04 -20.52 -6.73
N LEU A 172 -3.19 -19.54 -7.07
CA LEU A 172 -3.00 -18.42 -6.14
C LEU A 172 -4.27 -17.59 -6.04
N ILE A 173 -4.88 -17.28 -7.18
CA ILE A 173 -6.16 -16.58 -7.20
C ILE A 173 -7.17 -17.28 -6.29
N ALA A 174 -7.30 -18.60 -6.47
CA ALA A 174 -8.27 -19.35 -5.68
C ALA A 174 -7.91 -19.31 -4.20
N GLU A 175 -6.61 -19.37 -3.90
CA GLU A 175 -6.16 -19.31 -2.52
C GLU A 175 -6.49 -17.96 -1.88
N LEU A 176 -6.20 -16.88 -2.58
CA LEU A 176 -6.50 -15.56 -2.04
C LEU A 176 -7.98 -15.40 -1.81
N LYS A 177 -8.81 -15.82 -2.78
CA LYS A 177 -10.26 -15.72 -2.63
C LYS A 177 -10.74 -16.48 -1.39
N ALA A 178 -10.15 -17.65 -1.10
CA ALA A 178 -10.54 -18.39 0.09
C ALA A 178 -10.08 -17.71 1.38
N LYS A 179 -8.88 -17.12 1.37
CA LYS A 179 -8.44 -16.36 2.53
C LYS A 179 -9.35 -15.17 2.79
N ASN A 180 -9.84 -14.53 1.74
CA ASN A 180 -10.73 -13.38 1.89
C ASN A 180 -12.14 -13.80 2.27
N GLY A 181 -12.39 -15.09 2.50
CA GLY A 181 -13.63 -15.55 3.09
C GLY A 181 -14.87 -15.35 2.24
MG MG B . 8.89 17.70 7.44
CL CL C . -5.75 0.19 -8.31
CL CL D . -7.28 -16.52 -17.77
#